data_9KTQ
#
_entry.id   9KTQ
#
_cell.length_a   140.283
_cell.length_b   140.283
_cell.length_c   140.283
_cell.angle_alpha   90.000
_cell.angle_beta   90.000
_cell.angle_gamma   90.000
#
_symmetry.space_group_name_H-M   'I 2 3'
#
loop_
_entity.id
_entity.type
_entity.pdbx_description
1 polymer 'Xyloglucan-specific endo-beta-1,4-glucanase 1'
2 water water
#
_entity_poly.entity_id   1
_entity_poly.type   'polypeptide(L)'
_entity_poly.pdbx_seq_one_letter_code
;GDYCGQWDWAKSTNYIVYNNLWNKNAAASGSQCTGVDKISGSTIAWHTSYTWTGGAATEVKSYSNAALVFSKKQIKNIKS
IPTKMKYSYSHSSGTFVADVSYDLFTSSTASGSNEYEIMIWLAAYGGAGPISSTGKAIATVTIGSNSFKLYKGPNGSTTV
FSFVATKTITNFSADLQKFLSYLTKNQGLPSSQYLITLEAGTEPFVGTNAKMTVSSFSAAVNEQKLISEEDLHHHHHH
;
_entity_poly.pdbx_strand_id   A
#
# COMPACT_ATOMS: atom_id res chain seq x y z
N GLY A 1 -20.50 0.11 -12.20
CA GLY A 1 -19.91 -0.91 -13.03
C GLY A 1 -18.41 -0.94 -12.88
N ASP A 2 -17.81 -2.11 -13.08
CA ASP A 2 -16.38 -2.22 -12.88
C ASP A 2 -15.62 -1.56 -14.04
N TYR A 3 -14.36 -1.24 -13.79
CA TYR A 3 -13.47 -0.76 -14.84
C TYR A 3 -12.23 -1.63 -14.90
N CYS A 4 -11.89 -2.04 -16.11
CA CYS A 4 -10.87 -3.03 -16.34
C CYS A 4 -9.70 -2.50 -17.16
N GLY A 5 -9.76 -1.24 -17.60
CA GLY A 5 -8.69 -0.69 -18.38
C GLY A 5 -7.41 -0.55 -17.57
N GLN A 6 -6.28 -0.59 -18.28
CA GLN A 6 -4.98 -0.53 -17.63
C GLN A 6 -4.87 0.64 -16.67
N TRP A 7 -5.34 1.82 -17.09
CA TRP A 7 -5.18 3.04 -16.31
C TRP A 7 -6.52 3.61 -15.85
N ASP A 8 -7.56 2.79 -15.77
CA ASP A 8 -8.86 3.27 -15.31
C ASP A 8 -8.80 3.66 -13.85
N TRP A 9 -9.64 4.63 -13.49
CA TRP A 9 -9.73 5.07 -12.10
C TRP A 9 -11.02 5.87 -11.93
N ALA A 10 -11.42 6.00 -10.67
CA ALA A 10 -12.64 6.73 -10.29
C ALA A 10 -12.33 7.61 -9.08
N LYS A 11 -12.70 8.89 -9.20
CA LYS A 11 -12.37 9.88 -8.15
C LYS A 11 -13.56 10.15 -7.23
N SER A 12 -13.29 10.35 -5.95
CA SER A 12 -14.29 10.66 -4.92
C SER A 12 -13.72 11.87 -4.14
N THR A 13 -14.51 12.53 -3.32
CA THR A 13 -13.99 13.73 -2.66
C THR A 13 -12.70 13.45 -1.92
N ASN A 14 -12.61 12.27 -1.29
CA ASN A 14 -11.46 11.95 -0.45
C ASN A 14 -10.57 10.85 -1.01
N TYR A 15 -11.01 10.09 -2.01
CA TYR A 15 -10.22 8.96 -2.49
C TYR A 15 -10.29 8.87 -4.01
N ILE A 16 -9.20 8.36 -4.59
CA ILE A 16 -9.16 7.91 -5.97
C ILE A 16 -8.88 6.42 -5.97
N VAL A 17 -9.71 5.66 -6.67
CA VAL A 17 -9.57 4.20 -6.74
C VAL A 17 -9.05 3.84 -8.12
N TYR A 18 -7.84 3.29 -8.17
CA TYR A 18 -7.15 2.96 -9.41
C TYR A 18 -7.24 1.47 -9.71
N ASN A 19 -7.31 1.15 -11.00
CA ASN A 19 -7.09 -0.22 -11.45
C ASN A 19 -5.60 -0.51 -11.58
N ASN A 20 -4.88 0.37 -12.29
CA ASN A 20 -3.42 0.49 -12.19
C ASN A 20 -2.71 -0.81 -12.56
N LEU A 21 -3.00 -1.30 -13.76
CA LEU A 21 -2.38 -2.54 -14.24
C LEU A 21 -1.02 -2.22 -14.89
N TRP A 22 -0.15 -1.60 -14.07
CA TRP A 22 1.05 -0.98 -14.60
C TRP A 22 2.06 -1.98 -15.15
N ASN A 23 2.03 -3.23 -14.72
CA ASN A 23 2.98 -4.23 -15.22
C ASN A 23 2.27 -5.44 -15.82
N LYS A 24 1.09 -5.21 -16.43
CA LYS A 24 0.28 -6.32 -16.91
C LYS A 24 0.99 -7.13 -17.98
N ASN A 25 1.91 -6.52 -18.74
CA ASN A 25 2.58 -7.24 -19.81
C ASN A 25 3.64 -8.22 -19.32
N ALA A 26 4.02 -8.18 -18.04
CA ALA A 26 4.95 -9.15 -17.50
C ALA A 26 4.30 -10.51 -17.24
N ALA A 27 2.97 -10.57 -17.25
CA ALA A 27 2.26 -11.83 -17.19
C ALA A 27 2.08 -12.40 -18.59
N ALA A 28 1.89 -13.72 -18.67
CA ALA A 28 1.64 -14.35 -19.96
C ALA A 28 0.20 -14.12 -20.40
N SER A 29 -0.75 -14.20 -19.46
CA SER A 29 -2.15 -13.96 -19.77
C SER A 29 -2.85 -13.45 -18.52
N GLY A 30 -4.04 -12.88 -18.72
CA GLY A 30 -4.85 -12.43 -17.61
C GLY A 30 -5.47 -11.06 -17.78
N SER A 31 -6.23 -10.64 -16.77
CA SER A 31 -6.92 -9.35 -16.79
C SER A 31 -7.32 -9.02 -15.35
N GLN A 32 -7.83 -7.80 -15.15
CA GLN A 32 -8.17 -7.35 -13.81
C GLN A 32 -9.16 -6.20 -13.90
N CYS A 33 -10.20 -6.26 -13.06
CA CYS A 33 -11.22 -5.22 -12.97
C CYS A 33 -11.38 -4.76 -11.53
N THR A 34 -11.66 -3.46 -11.37
CA THR A 34 -11.79 -2.82 -10.07
C THR A 34 -13.09 -2.02 -10.05
N GLY A 35 -13.71 -1.96 -8.88
CA GLY A 35 -14.98 -1.26 -8.76
C GLY A 35 -15.12 -0.64 -7.38
N VAL A 36 -15.88 0.45 -7.31
CA VAL A 36 -16.20 1.12 -6.06
C VAL A 36 -17.61 0.71 -5.65
N ASP A 37 -17.78 0.38 -4.37
CA ASP A 37 -19.02 -0.20 -3.88
C ASP A 37 -19.86 0.76 -3.05
N LYS A 38 -19.25 1.51 -2.14
CA LYS A 38 -19.96 2.52 -1.37
C LYS A 38 -19.00 3.65 -1.03
N ILE A 39 -19.60 4.79 -0.68
CA ILE A 39 -18.88 5.97 -0.20
C ILE A 39 -19.75 6.63 0.84
N SER A 40 -19.41 6.47 2.12
CA SER A 40 -20.17 7.06 3.22
C SER A 40 -19.22 7.90 4.06
N GLY A 41 -19.29 9.21 3.91
CA GLY A 41 -18.40 10.10 4.64
C GLY A 41 -16.98 9.94 4.14
N SER A 42 -16.06 9.68 5.07
CA SER A 42 -14.66 9.45 4.73
C SER A 42 -14.31 7.96 4.68
N THR A 43 -15.32 7.10 4.56
CA THR A 43 -15.14 5.66 4.43
C THR A 43 -15.57 5.21 3.05
N ILE A 44 -14.77 4.33 2.44
CA ILE A 44 -15.04 3.85 1.10
C ILE A 44 -14.94 2.32 1.10
N ALA A 45 -15.80 1.69 0.33
CA ALA A 45 -15.73 0.26 0.08
C ALA A 45 -15.53 0.02 -1.40
N TRP A 46 -14.62 -0.89 -1.74
CA TRP A 46 -14.29 -1.14 -3.13
C TRP A 46 -13.77 -2.57 -3.23
N HIS A 47 -13.49 -3.00 -4.45
CA HIS A 47 -13.04 -4.37 -4.67
C HIS A 47 -12.28 -4.44 -5.99
N THR A 48 -11.55 -5.54 -6.16
CA THR A 48 -10.84 -5.80 -7.40
C THR A 48 -10.80 -7.31 -7.57
N SER A 49 -10.79 -7.76 -8.84
CA SER A 49 -10.80 -9.17 -9.18
C SER A 49 -9.87 -9.37 -10.37
N TYR A 50 -9.10 -10.46 -10.35
CA TYR A 50 -8.10 -10.62 -11.39
C TYR A 50 -7.75 -12.08 -11.61
N THR A 51 -7.12 -12.33 -12.75
CA THR A 51 -6.35 -13.54 -13.01
C THR A 51 -5.04 -13.09 -13.66
N TRP A 52 -3.92 -13.54 -13.12
CA TRP A 52 -2.61 -13.29 -13.72
C TRP A 52 -1.80 -14.56 -13.62
N THR A 53 -1.33 -15.07 -14.76
CA THR A 53 -0.60 -16.33 -14.80
C THR A 53 0.54 -16.24 -15.80
N GLY A 54 1.60 -17.01 -15.55
CA GLY A 54 2.72 -17.09 -16.47
C GLY A 54 3.55 -15.82 -16.47
N GLY A 55 4.42 -15.74 -17.48
CA GLY A 55 5.33 -14.60 -17.57
C GLY A 55 6.34 -14.60 -16.44
N ALA A 56 6.71 -13.41 -15.99
CA ALA A 56 7.68 -13.24 -14.92
C ALA A 56 6.95 -13.39 -13.59
N ALA A 57 6.98 -14.61 -13.04
CA ALA A 57 6.22 -14.89 -11.82
C ALA A 57 6.71 -14.08 -10.63
N THR A 58 7.90 -13.51 -10.71
CA THR A 58 8.49 -12.79 -9.59
C THR A 58 8.11 -11.32 -9.55
N GLU A 59 7.37 -10.81 -10.53
CA GLU A 59 7.11 -9.39 -10.67
C GLU A 59 5.67 -9.07 -10.30
N VAL A 60 5.51 -7.96 -9.58
CA VAL A 60 4.19 -7.37 -9.38
C VAL A 60 3.59 -7.04 -10.73
N LYS A 61 2.35 -7.48 -10.95
CA LYS A 61 1.66 -7.23 -12.22
C LYS A 61 0.80 -5.98 -12.19
N SER A 62 0.30 -5.60 -11.03
CA SER A 62 -0.66 -4.51 -10.90
C SER A 62 -0.66 -4.05 -9.45
N TYR A 63 -1.36 -2.94 -9.21
CA TYR A 63 -1.58 -2.47 -7.85
C TYR A 63 -2.86 -1.63 -7.83
N SER A 64 -4.00 -2.28 -7.99
CA SER A 64 -5.26 -1.61 -7.72
C SER A 64 -5.29 -1.18 -6.27
N ASN A 65 -5.75 0.05 -6.03
CA ASN A 65 -5.64 0.63 -4.71
C ASN A 65 -6.64 1.77 -4.57
N ALA A 66 -6.95 2.09 -3.32
CA ALA A 66 -7.59 3.34 -2.96
C ALA A 66 -6.52 4.30 -2.46
N ALA A 67 -6.48 5.49 -3.02
CA ALA A 67 -5.49 6.50 -2.68
C ALA A 67 -6.18 7.67 -1.98
N LEU A 68 -5.63 8.10 -0.85
CA LEU A 68 -6.17 9.26 -0.16
C LEU A 68 -5.85 10.53 -0.94
N VAL A 69 -6.80 11.46 -0.93
CA VAL A 69 -6.59 12.82 -1.44
C VAL A 69 -6.34 13.72 -0.23
N PHE A 70 -5.18 14.36 -0.18
CA PHE A 70 -4.83 15.08 1.04
C PHE A 70 -3.80 16.16 0.75
N SER A 71 -3.74 17.13 1.67
CA SER A 71 -2.72 18.18 1.65
C SER A 71 -1.39 17.60 2.12
N LYS A 72 -0.35 17.74 1.30
CA LYS A 72 0.95 17.17 1.62
C LYS A 72 1.58 17.91 2.81
N LYS A 73 2.21 17.14 3.68
CA LYS A 73 2.84 17.67 4.88
C LYS A 73 4.21 17.04 5.02
N GLN A 74 5.15 17.79 5.59
CA GLN A 74 6.38 17.19 6.04
C GLN A 74 6.11 16.32 7.26
N ILE A 75 6.86 15.23 7.38
CA ILE A 75 6.62 14.24 8.44
C ILE A 75 6.75 14.88 9.82
N LYS A 76 7.71 15.80 9.98
CA LYS A 76 7.91 16.47 11.26
C LYS A 76 6.68 17.22 11.74
N ASN A 77 5.76 17.58 10.84
CA ASN A 77 4.57 18.36 11.20
C ASN A 77 3.29 17.52 11.18
N ILE A 78 3.39 16.21 11.03
CA ILE A 78 2.22 15.35 11.03
C ILE A 78 1.95 14.91 12.46
N LYS A 79 0.73 15.18 12.94
CA LYS A 79 0.33 14.74 14.27
C LYS A 79 -0.10 13.27 14.25
N SER A 80 -0.96 12.91 13.30
CA SER A 80 -1.54 11.58 13.26
C SER A 80 -1.89 11.23 11.82
N ILE A 81 -1.89 9.94 11.52
CA ILE A 81 -2.40 9.41 10.25
C ILE A 81 -3.32 8.23 10.55
N PRO A 82 -4.53 8.47 11.07
CA PRO A 82 -5.42 7.36 11.40
C PRO A 82 -5.95 6.69 10.15
N THR A 83 -5.93 5.35 10.16
CA THR A 83 -6.39 4.58 9.01
C THR A 83 -7.04 3.29 9.48
N LYS A 84 -7.94 2.77 8.64
CA LYS A 84 -8.61 1.50 8.87
C LYS A 84 -8.77 0.81 7.53
N MET A 85 -8.62 -0.51 7.52
CA MET A 85 -8.82 -1.30 6.31
C MET A 85 -9.32 -2.68 6.69
N LYS A 86 -10.53 -3.02 6.25
CA LYS A 86 -11.12 -4.33 6.47
C LYS A 86 -11.42 -4.95 5.11
N TYR A 87 -10.93 -6.17 4.90
CA TYR A 87 -11.04 -6.79 3.58
C TYR A 87 -11.17 -8.30 3.73
N SER A 88 -11.58 -8.93 2.64
CA SER A 88 -11.54 -10.37 2.48
C SER A 88 -10.87 -10.68 1.14
N TYR A 89 -10.32 -11.90 1.05
CA TYR A 89 -9.57 -12.28 -0.18
C TYR A 89 -9.81 -13.75 -0.51
N SER A 90 -10.37 -14.03 -1.69
CA SER A 90 -10.62 -15.38 -2.15
C SER A 90 -9.93 -15.60 -3.48
N HIS A 91 -9.78 -16.86 -3.86
CA HIS A 91 -9.19 -17.22 -5.14
C HIS A 91 -9.41 -18.71 -5.36
N SER A 92 -9.05 -19.17 -6.56
CA SER A 92 -9.13 -20.58 -6.87
C SER A 92 -7.87 -21.30 -6.41
N SER A 93 -8.00 -22.62 -6.25
CA SER A 93 -6.87 -23.45 -5.87
C SER A 93 -5.74 -23.31 -6.88
N GLY A 94 -4.56 -23.74 -6.48
CA GLY A 94 -3.38 -23.57 -7.31
C GLY A 94 -2.55 -22.38 -6.87
N THR A 95 -1.50 -22.12 -7.66
CA THR A 95 -0.53 -21.07 -7.32
C THR A 95 -1.23 -19.76 -7.01
N PHE A 96 -0.87 -19.16 -5.87
CA PHE A 96 -1.40 -17.87 -5.47
C PHE A 96 -0.31 -17.13 -4.71
N VAL A 97 0.26 -16.10 -5.33
CA VAL A 97 1.30 -15.29 -4.75
C VAL A 97 0.88 -13.83 -4.88
N ALA A 98 0.69 -13.17 -3.74
CA ALA A 98 0.21 -11.80 -3.73
C ALA A 98 0.43 -11.21 -2.35
N ASP A 99 0.15 -9.91 -2.22
CA ASP A 99 0.16 -9.25 -0.93
C ASP A 99 -0.96 -8.23 -0.86
N VAL A 100 -1.36 -7.91 0.36
CA VAL A 100 -2.18 -6.75 0.67
C VAL A 100 -1.27 -5.73 1.36
N SER A 101 -1.21 -4.52 0.84
CA SER A 101 -0.22 -3.58 1.37
C SER A 101 -0.67 -2.14 1.23
N TYR A 102 -0.33 -1.34 2.23
CA TYR A 102 -0.29 0.11 2.09
C TYR A 102 0.98 0.52 1.35
N ASP A 103 0.88 1.57 0.56
CA ASP A 103 2.02 2.11 -0.17
C ASP A 103 2.06 3.62 0.05
N LEU A 104 3.11 4.10 0.72
CA LEU A 104 3.30 5.52 0.96
C LEU A 104 4.61 5.96 0.32
N PHE A 105 4.62 7.20 -0.19
CA PHE A 105 5.81 7.77 -0.80
C PHE A 105 6.09 9.14 -0.18
N THR A 106 7.37 9.47 -0.09
CA THR A 106 7.80 10.80 0.34
C THR A 106 8.71 11.42 -0.69
N SER A 107 8.81 12.74 -0.64
CA SER A 107 9.74 13.48 -1.49
C SER A 107 10.26 14.69 -0.72
N SER A 108 11.29 15.33 -1.28
CA SER A 108 11.83 16.54 -0.67
C SER A 108 10.96 17.76 -0.95
N THR A 109 10.02 17.67 -1.90
CA THR A 109 9.03 18.70 -2.12
C THR A 109 7.67 18.02 -2.26
N ALA A 110 6.60 18.81 -2.03
CA ALA A 110 5.25 18.25 -2.11
C ALA A 110 4.93 17.73 -3.51
N SER A 111 5.53 18.34 -4.53
CA SER A 111 5.31 17.96 -5.92
C SER A 111 6.47 17.17 -6.50
N GLY A 112 7.47 16.82 -5.68
CA GLY A 112 8.67 16.20 -6.19
C GLY A 112 8.48 14.74 -6.56
N SER A 113 9.57 14.15 -7.05
CA SER A 113 9.57 12.74 -7.38
C SER A 113 9.83 11.91 -6.13
N ASN A 114 9.44 10.63 -6.20
CA ASN A 114 9.62 9.72 -5.08
C ASN A 114 11.09 9.66 -4.66
N GLU A 115 11.34 9.80 -3.36
CA GLU A 115 12.66 9.59 -2.79
C GLU A 115 12.70 8.46 -1.78
N TYR A 116 11.65 8.30 -0.98
CA TYR A 116 11.48 7.16 -0.10
C TYR A 116 10.12 6.53 -0.30
N GLU A 117 10.05 5.23 -0.06
CA GLU A 117 8.81 4.49 -0.13
C GLU A 117 8.65 3.73 1.18
N ILE A 118 7.43 3.71 1.71
CA ILE A 118 7.13 3.01 2.95
C ILE A 118 5.92 2.12 2.69
N MET A 119 6.14 0.81 2.67
CA MET A 119 5.05 -0.14 2.53
C MET A 119 4.70 -0.77 3.87
N ILE A 120 3.43 -1.12 4.03
CA ILE A 120 2.95 -1.86 5.19
C ILE A 120 2.14 -3.04 4.69
N TRP A 121 2.70 -4.24 4.81
CA TRP A 121 2.08 -5.46 4.30
C TRP A 121 1.16 -6.03 5.37
N LEU A 122 -0.15 -5.97 5.13
CA LEU A 122 -1.10 -6.61 6.02
C LEU A 122 -1.19 -8.11 5.77
N ALA A 123 -0.80 -8.57 4.58
CA ALA A 123 -0.90 -9.97 4.22
C ALA A 123 0.13 -10.28 3.14
N ALA A 124 0.80 -11.42 3.28
CA ALA A 124 1.69 -11.93 2.24
C ALA A 124 1.31 -13.38 1.98
N TYR A 125 1.07 -13.72 0.72
CA TYR A 125 0.55 -15.02 0.34
C TYR A 125 1.55 -15.75 -0.56
N GLY A 126 1.63 -17.07 -0.40
CA GLY A 126 2.41 -17.90 -1.30
C GLY A 126 3.88 -17.53 -1.40
N GLY A 127 4.46 -16.99 -0.34
CA GLY A 127 5.88 -16.67 -0.33
C GLY A 127 6.24 -15.30 -0.85
N ALA A 128 5.25 -14.43 -1.09
CA ALA A 128 5.54 -13.07 -1.52
C ALA A 128 6.36 -12.35 -0.45
N GLY A 129 7.37 -11.62 -0.88
CA GLY A 129 8.23 -10.88 0.02
C GLY A 129 8.66 -9.55 -0.56
N PRO A 130 9.00 -8.60 0.31
CA PRO A 130 9.31 -7.23 -0.15
C PRO A 130 10.74 -7.09 -0.65
N ILE A 131 11.06 -5.88 -1.09
CA ILE A 131 12.43 -5.53 -1.44
C ILE A 131 13.31 -5.61 -0.20
N SER A 132 14.46 -6.26 -0.33
CA SER A 132 15.37 -6.43 0.81
C SER A 132 16.79 -6.53 0.28
N SER A 133 17.63 -5.56 0.64
CA SER A 133 19.03 -5.60 0.24
C SER A 133 19.71 -6.87 0.75
N THR A 134 19.56 -7.15 2.04
CA THR A 134 20.21 -8.30 2.68
C THR A 134 19.38 -9.57 2.63
N GLY A 135 18.11 -9.50 2.31
CA GLY A 135 17.24 -10.68 2.37
C GLY A 135 16.80 -10.99 3.78
N LYS A 136 17.22 -10.15 4.74
CA LYS A 136 16.89 -10.40 6.17
C LYS A 136 16.27 -9.14 6.78
N ALA A 137 15.33 -9.32 7.71
CA ALA A 137 14.73 -8.17 8.40
C ALA A 137 15.83 -7.37 9.08
N ILE A 138 15.68 -6.06 9.07
CA ILE A 138 16.62 -5.17 9.81
C ILE A 138 16.05 -4.90 11.22
N ALA A 139 14.77 -5.21 11.45
CA ALA A 139 14.15 -5.03 12.77
C ALA A 139 12.80 -5.72 12.92
N THR A 140 12.39 -5.92 14.15
CA THR A 140 11.03 -6.33 14.50
C THR A 140 10.48 -5.31 15.48
N VAL A 141 9.40 -4.65 15.10
CA VAL A 141 8.78 -3.60 15.90
C VAL A 141 7.29 -3.86 16.00
N THR A 142 6.76 -3.69 17.21
CA THR A 142 5.34 -3.85 17.49
C THR A 142 4.69 -2.48 17.55
N ILE A 143 3.67 -2.28 16.74
CA ILE A 143 2.92 -1.03 16.70
C ILE A 143 1.45 -1.36 16.85
N GLY A 144 0.81 -0.78 17.85
CA GLY A 144 -0.55 -1.19 18.17
C GLY A 144 -0.59 -2.65 18.55
N SER A 145 -1.54 -3.38 17.98
CA SER A 145 -1.72 -4.79 18.31
C SER A 145 -0.98 -5.72 17.35
N ASN A 146 -0.10 -5.20 16.50
CA ASN A 146 0.54 -6.00 15.47
C ASN A 146 2.07 -5.86 15.54
N SER A 147 2.74 -6.97 15.26
CA SER A 147 4.19 -7.01 15.14
C SER A 147 4.58 -7.00 13.66
N PHE A 148 5.72 -6.37 13.36
CA PHE A 148 6.18 -6.22 11.98
C PHE A 148 7.67 -6.48 11.88
N LYS A 149 8.07 -7.25 10.88
CA LYS A 149 9.46 -7.30 10.47
C LYS A 149 9.70 -6.22 9.42
N LEU A 150 10.79 -5.49 9.58
CA LEU A 150 11.11 -4.36 8.72
C LEU A 150 12.20 -4.75 7.73
N TYR A 151 11.97 -4.44 6.45
CA TYR A 151 12.93 -4.71 5.40
C TYR A 151 13.30 -3.39 4.71
N LYS A 152 14.47 -3.39 4.09
CA LYS A 152 15.00 -2.20 3.44
C LYS A 152 15.78 -2.60 2.20
N GLY A 153 15.58 -1.82 1.13
CA GLY A 153 16.31 -2.03 -0.10
C GLY A 153 16.02 -0.94 -1.10
N PRO A 154 16.85 -0.85 -2.14
CA PRO A 154 16.65 0.18 -3.16
C PRO A 154 15.61 -0.22 -4.19
N ASN A 155 15.02 0.79 -4.82
CA ASN A 155 14.25 0.64 -6.05
C ASN A 155 14.63 1.84 -6.92
N GLY A 156 15.61 1.64 -7.80
CA GLY A 156 16.20 2.79 -8.46
C GLY A 156 16.83 3.69 -7.42
N SER A 157 16.52 4.99 -7.52
CA SER A 157 17.00 5.97 -6.57
C SER A 157 16.13 6.08 -5.33
N THR A 158 15.11 5.24 -5.21
CA THR A 158 14.23 5.25 -4.05
C THR A 158 14.74 4.25 -3.00
N THR A 159 14.67 4.67 -1.74
CA THR A 159 14.86 3.74 -0.63
C THR A 159 13.50 3.23 -0.17
N VAL A 160 13.34 1.93 -0.10
CA VAL A 160 12.06 1.29 0.17
C VAL A 160 12.11 0.61 1.53
N PHE A 161 11.30 1.09 2.46
CA PHE A 161 11.08 0.43 3.74
C PHE A 161 9.77 -0.33 3.69
N SER A 162 9.78 -1.59 4.12
CA SER A 162 8.57 -2.42 4.10
C SER A 162 8.39 -3.07 5.48
N PHE A 163 7.34 -2.66 6.19
CA PHE A 163 6.90 -3.38 7.38
C PHE A 163 6.01 -4.54 6.95
N VAL A 164 6.35 -5.76 7.37
CA VAL A 164 5.56 -6.95 7.04
C VAL A 164 5.01 -7.53 8.33
N ALA A 165 3.68 -7.58 8.45
CA ALA A 165 3.05 -8.09 9.65
C ALA A 165 3.43 -9.56 9.87
N THR A 166 3.69 -9.91 11.14
CA THR A 166 4.09 -11.28 11.46
C THR A 166 2.91 -12.24 11.41
N LYS A 167 1.69 -11.75 11.58
CA LYS A 167 0.46 -12.50 11.32
C LYS A 167 -0.39 -11.70 10.36
N THR A 168 -1.12 -12.40 9.49
CA THR A 168 -2.00 -11.73 8.53
C THR A 168 -3.00 -10.84 9.28
N ILE A 169 -3.20 -9.63 8.76
CA ILE A 169 -4.16 -8.68 9.30
C ILE A 169 -5.26 -8.48 8.27
N THR A 170 -6.50 -8.82 8.63
CA THR A 170 -7.65 -8.60 7.77
C THR A 170 -8.52 -7.44 8.24
N ASN A 171 -8.34 -6.97 9.49
CA ASN A 171 -9.12 -5.90 10.09
C ASN A 171 -8.11 -4.94 10.74
N PHE A 172 -7.58 -4.04 9.92
CA PHE A 172 -6.46 -3.17 10.31
C PHE A 172 -6.96 -1.84 10.85
N SER A 173 -6.36 -1.38 11.95
CA SER A 173 -6.65 -0.08 12.52
C SER A 173 -5.37 0.46 13.14
N ALA A 174 -4.83 1.54 12.59
CA ALA A 174 -3.55 2.03 13.05
C ALA A 174 -3.38 3.52 12.73
N ASP A 175 -2.39 4.12 13.39
CA ASP A 175 -1.94 5.48 13.13
C ASP A 175 -0.59 5.37 12.41
N LEU A 176 -0.60 5.65 11.11
CA LEU A 176 0.61 5.44 10.31
C LEU A 176 1.73 6.41 10.65
N GLN A 177 1.44 7.50 11.38
CA GLN A 177 2.53 8.38 11.83
C GLN A 177 3.47 7.65 12.79
N LYS A 178 2.95 6.67 13.54
CA LYS A 178 3.82 5.85 14.38
C LYS A 178 4.84 5.09 13.54
N PHE A 179 4.44 4.62 12.36
CA PHE A 179 5.37 3.95 11.46
C PHE A 179 6.41 4.93 10.93
N LEU A 180 5.96 6.09 10.45
CA LEU A 180 6.91 7.08 9.92
C LEU A 180 7.84 7.57 11.02
N SER A 181 7.33 7.81 12.22
CA SER A 181 8.19 8.30 13.28
C SER A 181 9.20 7.24 13.72
N TYR A 182 8.80 5.96 13.71
CA TYR A 182 9.79 4.91 13.95
C TYR A 182 10.94 5.02 12.94
N LEU A 183 10.60 5.30 11.68
CA LEU A 183 11.64 5.38 10.65
C LEU A 183 12.50 6.63 10.80
N THR A 184 11.89 7.77 11.14
CA THR A 184 12.69 8.99 11.29
C THR A 184 13.61 8.90 12.50
N LYS A 185 13.14 8.28 13.60
CA LYS A 185 13.98 8.17 14.79
C LYS A 185 15.03 7.06 14.67
N ASN A 186 14.77 6.00 13.89
CA ASN A 186 15.63 4.83 13.94
C ASN A 186 16.26 4.42 12.62
N GLN A 187 15.77 4.91 11.48
CA GLN A 187 16.22 4.41 10.19
C GLN A 187 16.69 5.50 9.23
N GLY A 188 16.83 6.73 9.69
CA GLY A 188 17.39 7.77 8.86
C GLY A 188 16.44 8.43 7.89
N LEU A 189 15.14 8.11 7.96
CA LEU A 189 14.16 8.80 7.13
C LEU A 189 14.12 10.28 7.53
N PRO A 190 14.46 11.20 6.65
CA PRO A 190 14.45 12.62 7.02
C PRO A 190 13.04 13.10 7.36
N SER A 191 12.91 13.75 8.53
CA SER A 191 11.62 14.30 8.93
C SER A 191 11.21 15.49 8.07
N SER A 192 12.14 16.08 7.32
CA SER A 192 11.81 17.14 6.39
C SER A 192 11.12 16.62 5.13
N GLN A 193 11.07 15.29 4.94
CA GLN A 193 10.41 14.74 3.76
C GLN A 193 8.91 15.02 3.82
N TYR A 194 8.33 15.33 2.66
CA TYR A 194 6.89 15.47 2.53
C TYR A 194 6.27 14.10 2.29
N LEU A 195 5.19 13.79 3.01
CA LEU A 195 4.36 12.65 2.64
C LEU A 195 3.50 13.08 1.45
N ILE A 196 3.72 12.44 0.31
CA ILE A 196 3.06 12.85 -0.93
C ILE A 196 2.05 11.83 -1.44
N THR A 197 2.07 10.60 -0.94
CA THR A 197 1.21 9.54 -1.46
C THR A 197 0.82 8.62 -0.32
N LEU A 198 -0.46 8.26 -0.24
CA LEU A 198 -0.95 7.29 0.73
C LEU A 198 -2.02 6.44 0.04
N GLU A 199 -1.70 5.18 -0.21
CA GLU A 199 -2.65 4.29 -0.86
C GLU A 199 -2.63 2.92 -0.19
N ALA A 200 -3.68 2.16 -0.44
CA ALA A 200 -3.84 0.82 0.12
C ALA A 200 -4.57 -0.04 -0.90
N GLY A 201 -3.97 -1.19 -1.23
CA GLY A 201 -4.53 -2.09 -2.23
C GLY A 201 -3.83 -3.44 -2.19
N THR A 202 -3.69 -4.10 -3.34
CA THR A 202 -3.08 -5.42 -3.38
C THR A 202 -2.15 -5.55 -4.59
N GLU A 203 -1.01 -6.21 -4.35
CA GLU A 203 -0.04 -6.50 -5.39
C GLU A 203 -0.10 -7.98 -5.75
N PRO A 204 -0.65 -8.36 -6.91
CA PRO A 204 -0.60 -9.77 -7.31
C PRO A 204 0.66 -10.11 -8.10
N PHE A 205 1.18 -11.30 -7.83
CA PHE A 205 2.24 -11.89 -8.63
C PHE A 205 1.71 -13.00 -9.52
N VAL A 206 1.04 -13.99 -8.94
CA VAL A 206 0.38 -15.06 -9.67
C VAL A 206 -0.92 -15.39 -8.95
N GLY A 207 -1.99 -15.60 -9.71
CA GLY A 207 -3.27 -15.96 -9.11
C GLY A 207 -4.39 -16.14 -10.11
N THR A 208 -5.37 -16.99 -9.77
CA THR A 208 -6.48 -17.31 -10.66
C THR A 208 -7.79 -17.07 -9.94
N ASN A 209 -8.71 -16.35 -10.62
CA ASN A 209 -10.04 -16.05 -10.08
C ASN A 209 -9.94 -15.46 -8.68
N ALA A 210 -8.97 -14.55 -8.52
CA ALA A 210 -8.76 -13.91 -7.23
C ALA A 210 -9.69 -12.72 -7.10
N LYS A 211 -10.12 -12.45 -5.87
CA LYS A 211 -10.96 -11.28 -5.61
C LYS A 211 -10.71 -10.78 -4.20
N MET A 212 -10.23 -9.55 -4.10
CA MET A 212 -10.14 -8.85 -2.82
C MET A 212 -11.32 -7.91 -2.70
N THR A 213 -12.08 -8.04 -1.64
CA THR A 213 -13.23 -7.18 -1.34
C THR A 213 -12.87 -6.33 -0.13
N VAL A 214 -12.72 -5.03 -0.32
CA VAL A 214 -12.40 -4.11 0.77
C VAL A 214 -13.73 -3.60 1.32
N SER A 215 -14.12 -4.13 2.49
CA SER A 215 -15.41 -3.79 3.05
C SER A 215 -15.44 -2.40 3.63
N SER A 216 -14.29 -1.87 4.06
CA SER A 216 -14.23 -0.49 4.53
C SER A 216 -12.77 -0.03 4.57
N PHE A 217 -12.53 1.17 4.06
CA PHE A 217 -11.20 1.78 4.08
C PHE A 217 -11.35 3.26 4.41
N SER A 218 -10.42 3.77 5.22
CA SER A 218 -10.38 5.19 5.52
C SER A 218 -8.96 5.57 5.90
N ALA A 219 -8.62 6.82 5.61
CA ALA A 219 -7.33 7.38 6.00
C ALA A 219 -7.47 8.89 6.09
N ALA A 220 -6.63 9.49 6.92
CA ALA A 220 -6.59 10.94 7.09
C ALA A 220 -5.20 11.34 7.55
N VAL A 221 -4.73 12.51 7.09
CA VAL A 221 -3.45 13.07 7.53
C VAL A 221 -3.76 14.33 8.32
N ASN A 222 -3.32 14.36 9.58
CA ASN A 222 -3.60 15.46 10.50
C ASN A 222 -2.29 16.13 10.89
N GLU A 223 -2.25 17.46 10.79
CA GLU A 223 -1.05 18.21 11.10
C GLU A 223 -1.03 18.64 12.57
N GLN A 224 0.17 18.84 13.08
CA GLN A 224 0.40 19.36 14.42
C GLN A 224 -0.19 20.77 14.54
N LYS A 225 -0.36 21.22 15.80
CA LYS A 225 -0.83 22.59 16.01
C LYS A 225 0.27 23.61 15.73
N LEU A 226 1.53 23.26 16.02
CA LEU A 226 2.67 24.13 15.77
C LEU A 226 3.46 23.56 14.61
N ILE A 227 3.54 24.31 13.51
CA ILE A 227 4.21 23.88 12.30
C ILE A 227 5.61 24.48 12.26
N SER A 228 6.60 23.65 11.95
CA SER A 228 7.98 24.09 11.77
C SER A 228 8.38 23.83 10.33
N GLU A 229 8.56 24.89 9.55
CA GLU A 229 8.97 24.76 8.17
C GLU A 229 10.48 24.54 8.07
#